data_1OX8
#
_entry.id   1OX8
#
_cell.length_a   60.116
_cell.length_b   60.116
_cell.length_c   187.984
_cell.angle_alpha   90.00
_cell.angle_beta   90.00
_cell.angle_gamma   90.00
#
_symmetry.space_group_name_H-M   'P 43 21 2'
#
loop_
_entity.id
_entity.type
_entity.pdbx_description
1 polymer 'Stringent starvation protein B'
2 water water
#
_entity_poly.entity_id   1
_entity_poly.type   'polypeptide(L)'
_entity_poly.pdbx_seq_one_letter_code
;QLTPRRPYLLRAFYEWLLDNQLTPHLVVDVTLPGVQVP(MSE)EYARDGQIVLNIAPRAVGNLELANDEVRFNARFGGIP
RQVSVPLAAVLAIYARENGAGT(MSE)FEPEAAYD
;
_entity_poly.pdbx_strand_id   A,B
#
# COMPACT_ATOMS: atom_id res chain seq x y z
N GLN A 1 -4.90 19.85 0.67
CA GLN A 1 -3.54 19.43 1.11
C GLN A 1 -2.91 18.45 0.12
N LEU A 2 -2.89 17.17 0.46
CA LEU A 2 -2.31 16.13 -0.38
C LEU A 2 -3.40 15.26 -1.00
N THR A 3 -3.04 14.45 -1.99
CA THR A 3 -4.03 13.58 -2.62
C THR A 3 -4.37 12.42 -1.68
N PRO A 4 -5.51 11.76 -1.90
CA PRO A 4 -5.94 10.64 -1.06
C PRO A 4 -5.05 9.42 -1.31
N ARG A 5 -4.83 8.61 -0.28
CA ARG A 5 -3.98 7.44 -0.44
C ARG A 5 -4.75 6.14 -0.63
N ARG A 6 -6.07 6.20 -0.45
CA ARG A 6 -6.89 5.00 -0.59
C ARG A 6 -6.49 4.12 -1.78
N PRO A 7 -6.30 4.70 -2.97
CA PRO A 7 -5.93 3.89 -4.13
C PRO A 7 -4.66 3.07 -3.89
N TYR A 8 -3.67 3.70 -3.27
CA TYR A 8 -2.41 3.01 -3.02
C TYR A 8 -2.62 1.90 -1.98
N LEU A 9 -3.40 2.22 -0.94
CA LEU A 9 -3.68 1.23 0.10
C LEU A 9 -4.45 0.09 -0.54
N LEU A 10 -5.48 0.42 -1.33
CA LEU A 10 -6.28 -0.60 -2.00
C LEU A 10 -5.37 -1.53 -2.79
N ARG A 11 -4.43 -0.96 -3.55
CA ARG A 11 -3.53 -1.78 -4.35
C ARG A 11 -2.65 -2.68 -3.49
N ALA A 12 -2.14 -2.15 -2.39
CA ALA A 12 -1.28 -2.93 -1.50
C ALA A 12 -2.02 -4.13 -0.91
N PHE A 13 -3.17 -3.90 -0.28
CA PHE A 13 -3.92 -5.01 0.33
C PHE A 13 -4.30 -6.03 -0.73
N TYR A 14 -4.66 -5.54 -1.92
CA TYR A 14 -5.01 -6.40 -3.02
C TYR A 14 -3.82 -7.31 -3.31
N GLU A 15 -2.62 -6.73 -3.35
CA GLU A 15 -1.40 -7.50 -3.61
C GLU A 15 -1.13 -8.44 -2.43
N TRP A 16 -1.21 -7.89 -1.22
CA TRP A 16 -0.98 -8.69 -0.01
C TRP A 16 -1.90 -9.89 0.04
N LEU A 17 -3.19 -9.70 -0.24
CA LEU A 17 -4.12 -10.81 -0.20
C LEU A 17 -3.80 -11.93 -1.20
N LEU A 18 -3.58 -11.58 -2.46
CA LEU A 18 -3.24 -12.58 -3.48
C LEU A 18 -1.97 -13.34 -3.09
N ASP A 19 -0.97 -12.63 -2.59
CA ASP A 19 0.29 -13.24 -2.19
C ASP A 19 0.07 -14.29 -1.11
N ASN A 20 -0.99 -14.14 -0.32
CA ASN A 20 -1.29 -15.10 0.73
C ASN A 20 -2.27 -16.14 0.19
N GLN A 21 -2.45 -16.15 -1.13
CA GLN A 21 -3.37 -17.06 -1.79
C GLN A 21 -4.81 -16.92 -1.33
N LEU A 22 -5.23 -15.69 -1.04
CA LEU A 22 -6.60 -15.42 -0.60
C LEU A 22 -7.41 -14.79 -1.73
N THR A 23 -8.73 -14.75 -1.56
CA THR A 23 -9.62 -14.19 -2.56
C THR A 23 -10.15 -12.83 -2.14
N PRO A 24 -9.63 -11.75 -2.75
CA PRO A 24 -10.01 -10.37 -2.47
C PRO A 24 -11.38 -9.90 -2.99
N HIS A 25 -12.18 -9.39 -2.07
CA HIS A 25 -13.48 -8.87 -2.44
C HIS A 25 -13.55 -7.43 -2.00
N LEU A 26 -14.22 -6.64 -2.82
CA LEU A 26 -14.39 -5.22 -2.58
C LEU A 26 -15.77 -5.05 -1.96
N VAL A 27 -15.94 -4.01 -1.15
CA VAL A 27 -17.23 -3.70 -0.54
C VAL A 27 -17.50 -2.27 -1.00
N VAL A 28 -18.43 -2.14 -1.95
CA VAL A 28 -18.77 -0.86 -2.55
C VAL A 28 -20.08 -0.22 -2.07
N ASP A 29 -20.08 1.11 -2.01
CA ASP A 29 -21.24 1.90 -1.62
C ASP A 29 -21.93 2.30 -2.93
N VAL A 30 -23.00 1.60 -3.30
CA VAL A 30 -23.70 1.90 -4.55
C VAL A 30 -24.58 3.14 -4.49
N THR A 31 -24.48 3.87 -3.39
CA THR A 31 -25.25 5.09 -3.20
C THR A 31 -24.55 6.31 -3.77
N LEU A 32 -23.23 6.27 -3.83
CA LEU A 32 -22.48 7.41 -4.33
C LEU A 32 -22.58 7.65 -5.83
N PRO A 33 -22.33 8.90 -6.27
CA PRO A 33 -22.38 9.29 -7.67
C PRO A 33 -21.29 8.59 -8.49
N GLY A 34 -21.62 8.20 -9.70
CA GLY A 34 -20.63 7.57 -10.57
C GLY A 34 -20.43 6.08 -10.43
N VAL A 35 -21.07 5.46 -9.45
CA VAL A 35 -20.95 4.03 -9.26
C VAL A 35 -21.68 3.28 -10.36
N GLN A 36 -20.95 2.41 -11.05
CA GLN A 36 -21.52 1.62 -12.13
C GLN A 36 -21.32 0.14 -11.86
N VAL A 37 -22.27 -0.45 -11.13
CA VAL A 37 -22.22 -1.86 -10.77
C VAL A 37 -23.56 -2.55 -11.06
N PRO A 38 -23.55 -3.89 -11.18
CA PRO A 38 -24.78 -4.64 -11.45
C PRO A 38 -25.67 -4.61 -10.20
N GLU A 40 -28.61 -5.44 -9.34
CA GLU A 40 -29.41 -6.56 -8.90
C GLU A 40 -28.84 -7.23 -7.66
N TYR A 41 -27.52 -7.22 -7.50
CA TYR A 41 -26.90 -7.88 -6.36
C TYR A 41 -26.63 -6.99 -5.14
N ALA A 42 -26.78 -5.68 -5.28
CA ALA A 42 -26.56 -4.78 -4.16
C ALA A 42 -27.55 -5.14 -3.06
N ARG A 43 -27.11 -4.99 -1.82
CA ARG A 43 -27.96 -5.28 -0.67
C ARG A 43 -27.88 -4.12 0.31
N ASP A 44 -29.02 -3.49 0.55
CA ASP A 44 -29.10 -2.38 1.49
C ASP A 44 -28.03 -1.32 1.31
N GLY A 45 -27.78 -0.91 0.06
CA GLY A 45 -26.80 0.13 -0.19
C GLY A 45 -25.36 -0.27 -0.48
N GLN A 46 -25.02 -1.54 -0.37
CA GLN A 46 -23.64 -1.98 -0.64
C GLN A 46 -23.62 -3.21 -1.52
N ILE A 47 -22.56 -3.34 -2.32
CA ILE A 47 -22.41 -4.52 -3.16
C ILE A 47 -21.03 -5.11 -2.88
N VAL A 48 -20.98 -6.42 -2.72
CA VAL A 48 -19.71 -7.12 -2.46
C VAL A 48 -19.27 -7.67 -3.80
N LEU A 49 -18.18 -7.13 -4.33
CA LEU A 49 -17.67 -7.55 -5.63
C LEU A 49 -16.38 -8.36 -5.53
N ASN A 50 -16.42 -9.61 -5.98
CA ASN A 50 -15.21 -10.44 -5.96
C ASN A 50 -14.28 -9.85 -7.04
N ILE A 51 -13.05 -9.51 -6.66
CA ILE A 51 -12.15 -8.95 -7.66
C ILE A 51 -10.87 -9.73 -7.89
N ALA A 52 -10.93 -11.04 -7.62
CA ALA A 52 -9.78 -11.90 -7.85
C ALA A 52 -9.46 -11.88 -9.35
N PRO A 53 -8.20 -12.13 -9.73
CA PRO A 53 -7.84 -12.11 -11.15
C PRO A 53 -8.68 -13.03 -12.03
N ARG A 54 -9.05 -14.20 -11.53
CA ARG A 54 -9.85 -15.09 -12.36
C ARG A 54 -11.25 -14.52 -12.59
N ALA A 55 -12.03 -14.39 -11.52
CA ALA A 55 -13.39 -13.88 -11.60
C ALA A 55 -13.56 -12.49 -12.23
N VAL A 56 -12.47 -11.88 -12.69
CA VAL A 56 -12.57 -10.55 -13.30
C VAL A 56 -11.64 -10.35 -14.50
N GLY A 57 -11.88 -9.30 -15.27
CA GLY A 57 -11.06 -9.02 -16.45
C GLY A 57 -10.65 -7.57 -16.62
N ASN A 58 -9.44 -7.36 -17.14
CA ASN A 58 -8.92 -6.02 -17.35
C ASN A 58 -9.05 -5.19 -16.09
N LEU A 59 -8.74 -5.79 -14.94
CA LEU A 59 -8.83 -5.10 -13.67
C LEU A 59 -7.88 -3.91 -13.62
N GLU A 60 -8.41 -2.73 -13.32
CA GLU A 60 -7.61 -1.51 -13.23
C GLU A 60 -7.87 -0.85 -11.89
N LEU A 61 -6.87 -0.87 -11.01
CA LEU A 61 -7.02 -0.25 -9.70
C LEU A 61 -6.34 1.11 -9.78
N ALA A 62 -6.96 2.01 -10.54
CA ALA A 62 -6.39 3.35 -10.73
C ALA A 62 -6.72 4.25 -9.56
N ASN A 63 -6.07 5.40 -9.49
CA ASN A 63 -6.32 6.33 -8.40
C ASN A 63 -7.72 6.93 -8.40
N ASP A 64 -8.26 7.15 -9.59
CA ASP A 64 -9.58 7.75 -9.72
C ASP A 64 -10.72 6.75 -9.55
N GLU A 65 -10.57 5.55 -10.11
CA GLU A 65 -11.62 4.55 -9.99
C GLU A 65 -11.16 3.13 -10.28
N VAL A 66 -11.91 2.16 -9.77
CA VAL A 66 -11.66 0.75 -9.98
C VAL A 66 -12.50 0.36 -11.18
N ARG A 67 -11.86 -0.18 -12.20
CA ARG A 67 -12.58 -0.60 -13.40
C ARG A 67 -12.22 -2.04 -13.69
N PHE A 68 -13.16 -2.76 -14.29
CA PHE A 68 -12.94 -4.14 -14.65
C PHE A 68 -14.17 -4.66 -15.37
N ASN A 69 -13.99 -5.73 -16.14
CA ASN A 69 -15.07 -6.33 -16.88
C ASN A 69 -15.38 -7.67 -16.25
N ALA A 70 -16.65 -8.05 -16.29
CA ALA A 70 -17.10 -9.32 -15.75
C ALA A 70 -18.51 -9.56 -16.22
N ARG A 71 -18.95 -10.81 -16.18
CA ARG A 71 -20.29 -11.13 -16.61
C ARG A 71 -21.19 -11.36 -15.40
N PHE A 72 -22.29 -10.62 -15.33
CA PHE A 72 -23.23 -10.78 -14.23
C PHE A 72 -24.58 -11.22 -14.78
N GLY A 73 -24.92 -12.49 -14.56
CA GLY A 73 -26.18 -13.02 -15.05
C GLY A 73 -26.13 -13.37 -16.52
N GLY A 74 -25.05 -14.03 -16.93
CA GLY A 74 -24.89 -14.42 -18.32
C GLY A 74 -24.63 -13.27 -19.27
N ILE A 75 -24.74 -12.04 -18.78
CA ILE A 75 -24.50 -10.87 -19.62
C ILE A 75 -23.23 -10.11 -19.27
N PRO A 76 -22.35 -9.89 -20.26
CA PRO A 76 -21.09 -9.17 -20.04
C PRO A 76 -21.35 -7.72 -19.60
N ARG A 77 -20.75 -7.35 -18.47
CA ARG A 77 -20.92 -6.01 -17.93
C ARG A 77 -19.60 -5.32 -17.63
N GLN A 78 -19.62 -3.99 -17.67
CA GLN A 78 -18.45 -3.18 -17.37
C GLN A 78 -18.71 -2.57 -15.99
N VAL A 79 -17.78 -2.77 -15.07
CA VAL A 79 -17.92 -2.23 -13.74
C VAL A 79 -17.03 -1.02 -13.59
N SER A 80 -17.52 -0.01 -12.88
CA SER A 80 -16.76 1.21 -12.68
C SER A 80 -17.13 1.82 -11.35
N VAL A 81 -16.18 1.87 -10.43
CA VAL A 81 -16.42 2.39 -9.10
C VAL A 81 -15.45 3.48 -8.66
N PRO A 82 -15.94 4.73 -8.54
CA PRO A 82 -15.04 5.80 -8.10
C PRO A 82 -14.45 5.47 -6.73
N LEU A 83 -13.15 5.66 -6.58
CA LEU A 83 -12.48 5.36 -5.32
C LEU A 83 -13.24 5.86 -4.11
N ALA A 84 -13.98 6.95 -4.28
CA ALA A 84 -14.75 7.48 -3.17
C ALA A 84 -15.77 6.46 -2.66
N ALA A 85 -16.23 5.56 -3.53
CA ALA A 85 -17.24 4.61 -3.16
C ALA A 85 -16.75 3.24 -2.68
N VAL A 86 -15.44 3.06 -2.59
CA VAL A 86 -14.90 1.78 -2.12
C VAL A 86 -14.78 1.82 -0.60
N LEU A 87 -15.57 0.99 0.08
CA LEU A 87 -15.57 0.94 1.54
C LEU A 87 -14.45 0.10 2.13
N ALA A 88 -14.26 -1.08 1.57
CA ALA A 88 -13.24 -1.97 2.12
C ALA A 88 -12.87 -3.07 1.17
N ILE A 89 -11.76 -3.74 1.52
CA ILE A 89 -11.28 -4.88 0.76
C ILE A 89 -11.03 -5.95 1.79
N TYR A 90 -11.27 -7.21 1.44
CA TYR A 90 -11.06 -8.25 2.42
C TYR A 90 -11.03 -9.60 1.76
N ALA A 91 -10.47 -10.58 2.46
CA ALA A 91 -10.37 -11.95 1.98
C ALA A 91 -11.63 -12.70 2.36
N ARG A 92 -12.28 -13.27 1.36
CA ARG A 92 -13.50 -14.02 1.57
C ARG A 92 -13.31 -15.20 2.53
N GLU A 93 -12.14 -15.83 2.48
CA GLU A 93 -11.88 -16.99 3.33
C GLU A 93 -11.61 -16.75 4.82
N ASN A 94 -11.16 -15.56 5.19
CA ASN A 94 -10.88 -15.31 6.60
C ASN A 94 -11.14 -13.88 7.05
N GLY A 95 -11.86 -13.12 6.24
CA GLY A 95 -12.15 -11.75 6.62
C GLY A 95 -10.96 -10.82 6.77
N ALA A 96 -9.78 -11.24 6.33
CA ALA A 96 -8.61 -10.37 6.45
C ALA A 96 -8.71 -9.21 5.46
N GLY A 97 -8.34 -8.01 5.91
CA GLY A 97 -8.41 -6.87 5.04
C GLY A 97 -8.44 -5.59 5.84
N THR A 98 -9.25 -4.63 5.42
CA THR A 98 -9.36 -3.35 6.11
C THR A 98 -10.48 -2.53 5.51
N PHE A 100 -11.44 1.25 4.60
CA PHE A 100 -10.73 2.50 4.42
C PHE A 100 -11.22 3.66 5.23
N GLU A 101 -10.27 4.44 5.74
CA GLU A 101 -10.57 5.62 6.52
C GLU A 101 -11.12 6.68 5.57
N PRO A 102 -12.11 7.47 6.03
CA PRO A 102 -12.62 8.48 5.11
C PRO A 102 -11.53 9.51 4.88
N GLU A 103 -11.49 10.09 3.69
CA GLU A 103 -10.49 11.08 3.38
C GLU A 103 -11.12 12.34 2.82
N ALA A 104 -10.46 13.47 3.08
CA ALA A 104 -10.93 14.78 2.64
C ALA A 104 -11.34 14.79 1.17
N ALA A 105 -10.39 14.49 0.30
CA ALA A 105 -10.62 14.49 -1.14
C ALA A 105 -11.92 13.85 -1.61
N TYR A 106 -12.58 13.09 -0.76
CA TYR A 106 -13.81 12.41 -1.16
C TYR A 106 -15.13 13.00 -0.63
N ASP A 107 -15.09 14.22 -0.12
CA ASP A 107 -16.29 14.85 0.42
C ASP A 107 -17.15 15.49 -0.66
N GLN B 1 0.25 -16.84 10.78
CA GLN B 1 -0.11 -17.73 9.64
C GLN B 1 0.02 -16.97 8.32
N LEU B 2 -0.60 -15.79 8.26
CA LEU B 2 -0.56 -14.96 7.06
C LEU B 2 0.70 -14.09 7.11
N THR B 3 1.30 -13.83 5.96
CA THR B 3 2.51 -13.01 5.91
C THR B 3 2.23 -11.60 6.45
N PRO B 4 3.27 -10.88 6.90
CA PRO B 4 3.02 -9.54 7.42
C PRO B 4 2.67 -8.61 6.25
N ARG B 5 2.03 -7.48 6.54
CA ARG B 5 1.65 -6.57 5.47
C ARG B 5 2.57 -5.35 5.35
N ARG B 6 3.43 -5.16 6.34
CA ARG B 6 4.32 -4.00 6.36
C ARG B 6 5.04 -3.64 5.05
N PRO B 7 5.67 -4.61 4.37
CA PRO B 7 6.36 -4.25 3.11
C PRO B 7 5.40 -3.70 2.05
N TYR B 8 4.18 -4.21 2.02
CA TYR B 8 3.21 -3.73 1.03
C TYR B 8 2.79 -2.30 1.37
N LEU B 9 2.57 -2.02 2.64
CA LEU B 9 2.18 -0.68 3.05
C LEU B 9 3.33 0.29 2.81
N LEU B 10 4.56 -0.18 3.03
CA LEU B 10 5.74 0.66 2.82
C LEU B 10 5.81 1.04 1.35
N ARG B 11 5.60 0.07 0.47
CA ARG B 11 5.63 0.37 -0.97
C ARG B 11 4.55 1.35 -1.41
N ALA B 12 3.35 1.21 -0.85
CA ALA B 12 2.25 2.09 -1.20
C ALA B 12 2.48 3.51 -0.71
N PHE B 13 2.93 3.66 0.54
CA PHE B 13 3.20 4.99 1.05
C PHE B 13 4.36 5.63 0.30
N TYR B 14 5.36 4.83 -0.05
CA TYR B 14 6.52 5.31 -0.80
C TYR B 14 6.02 5.93 -2.09
N GLU B 15 5.26 5.16 -2.87
CA GLU B 15 4.71 5.65 -4.12
C GLU B 15 3.83 6.88 -3.91
N TRP B 16 2.94 6.79 -2.94
CA TRP B 16 2.05 7.89 -2.62
C TRP B 16 2.86 9.15 -2.38
N LEU B 17 3.90 9.03 -1.56
CA LEU B 17 4.72 10.19 -1.27
C LEU B 17 5.36 10.73 -2.54
N LEU B 18 5.91 9.84 -3.36
CA LEU B 18 6.55 10.25 -4.60
C LEU B 18 5.59 10.98 -5.54
N ASP B 19 4.34 10.54 -5.57
CA ASP B 19 3.33 11.17 -6.44
C ASP B 19 2.90 12.52 -5.91
N ASN B 20 3.11 12.76 -4.63
CA ASN B 20 2.77 14.04 -4.07
C ASN B 20 4.03 14.89 -4.09
N GLN B 21 4.99 14.46 -4.92
CA GLN B 21 6.24 15.17 -5.06
C GLN B 21 6.86 15.45 -3.70
N LEU B 22 6.92 14.42 -2.85
CA LEU B 22 7.51 14.56 -1.54
C LEU B 22 8.77 13.70 -1.45
N THR B 23 9.60 13.98 -0.46
CA THR B 23 10.85 13.24 -0.28
C THR B 23 10.68 12.23 0.86
N PRO B 24 10.50 10.96 0.52
CA PRO B 24 10.32 9.92 1.53
C PRO B 24 11.56 9.58 2.35
N HIS B 25 11.39 9.59 3.67
CA HIS B 25 12.45 9.27 4.60
C HIS B 25 12.03 8.04 5.39
N LEU B 26 12.90 7.02 5.40
CA LEU B 26 12.61 5.79 6.11
C LEU B 26 13.13 5.92 7.54
N VAL B 27 12.29 5.60 8.52
CA VAL B 27 12.71 5.69 9.91
C VAL B 27 13.01 4.28 10.35
N VAL B 28 14.26 4.05 10.72
CA VAL B 28 14.72 2.72 11.12
C VAL B 28 15.19 2.62 12.56
N ASP B 29 14.91 1.48 13.18
CA ASP B 29 15.34 1.23 14.54
C ASP B 29 16.60 0.37 14.38
N VAL B 30 17.76 1.00 14.52
CA VAL B 30 19.03 0.30 14.35
C VAL B 30 19.40 -0.62 15.49
N THR B 31 18.54 -0.71 16.49
CA THR B 31 18.79 -1.58 17.62
C THR B 31 18.60 -3.03 17.23
N LEU B 32 17.65 -3.29 16.34
CA LEU B 32 17.38 -4.65 15.92
C LEU B 32 18.52 -5.26 15.11
N PRO B 33 18.57 -6.60 15.00
CA PRO B 33 19.61 -7.30 14.26
C PRO B 33 19.45 -7.21 12.75
N GLY B 34 20.51 -7.56 12.03
CA GLY B 34 20.47 -7.53 10.58
C GLY B 34 20.49 -6.14 9.97
N VAL B 35 20.37 -5.11 10.80
CA VAL B 35 20.40 -3.74 10.29
C VAL B 35 21.79 -3.28 9.89
N GLN B 36 21.96 -2.99 8.61
CA GLN B 36 23.22 -2.52 8.10
C GLN B 36 23.09 -1.12 7.52
N VAL B 37 23.39 -0.15 8.37
CA VAL B 37 23.27 1.25 8.00
C VAL B 37 24.48 2.05 8.48
N PRO B 38 24.60 3.30 8.01
CA PRO B 38 25.75 4.09 8.46
C PRO B 38 25.46 4.61 9.87
N GLU B 40 26.92 6.27 11.96
CA GLU B 40 27.32 7.64 12.29
C GLU B 40 26.16 8.62 12.33
N TYR B 41 25.05 8.26 11.70
CA TYR B 41 23.90 9.14 11.66
C TYR B 41 22.81 8.71 12.61
N ALA B 42 22.93 7.49 13.12
CA ALA B 42 21.95 6.98 14.06
C ALA B 42 22.06 7.74 15.37
N ARG B 43 20.92 8.07 15.96
CA ARG B 43 20.91 8.77 17.24
C ARG B 43 19.66 8.39 18.04
N ASP B 44 19.86 8.02 19.30
CA ASP B 44 18.76 7.62 20.19
C ASP B 44 18.21 6.27 19.75
N GLY B 45 19.07 5.45 19.12
CA GLY B 45 18.65 4.14 18.69
C GLY B 45 17.91 4.06 17.36
N GLN B 46 17.79 5.17 16.65
CA GLN B 46 17.09 5.14 15.37
C GLN B 46 17.79 6.00 14.32
N ILE B 47 17.59 5.66 13.04
CA ILE B 47 18.20 6.45 11.97
C ILE B 47 17.15 6.79 10.93
N VAL B 48 17.28 7.98 10.34
CA VAL B 48 16.34 8.42 9.32
C VAL B 48 17.09 8.50 7.99
N LEU B 49 16.74 7.61 7.07
CA LEU B 49 17.37 7.57 5.78
C LEU B 49 16.48 8.13 4.67
N ASN B 50 17.04 9.04 3.89
CA ASN B 50 16.33 9.62 2.77
C ASN B 50 16.38 8.50 1.73
N ILE B 51 15.22 8.09 1.21
CA ILE B 51 15.22 7.04 0.20
C ILE B 51 14.60 7.48 -1.12
N ALA B 52 14.60 8.79 -1.37
CA ALA B 52 14.08 9.33 -2.63
C ALA B 52 14.92 8.77 -3.78
N PRO B 53 14.31 8.59 -4.96
CA PRO B 53 14.99 8.05 -6.15
C PRO B 53 16.33 8.73 -6.44
N ARG B 54 16.32 10.04 -6.25
N ARG B 54 16.34 10.05 -6.27
CA ARG B 54 17.48 10.90 -6.45
CA ARG B 54 17.53 10.85 -6.51
C ARG B 54 18.61 10.50 -5.52
C ARG B 54 18.63 10.47 -5.52
N ALA B 55 18.34 10.60 -4.23
CA ALA B 55 19.30 10.31 -3.15
C ALA B 55 19.85 8.90 -2.96
N VAL B 56 19.31 7.92 -3.68
CA VAL B 56 19.74 6.55 -3.48
C VAL B 56 19.84 5.78 -4.80
N GLY B 57 20.51 4.64 -4.78
CA GLY B 57 20.61 3.85 -6.00
C GLY B 57 20.27 2.38 -5.76
N ASN B 58 19.77 1.72 -6.81
CA ASN B 58 19.44 0.29 -6.76
C ASN B 58 18.40 -0.09 -5.70
N LEU B 59 17.61 0.89 -5.25
CA LEU B 59 16.58 0.67 -4.23
C LEU B 59 15.67 -0.54 -4.48
N GLU B 60 15.57 -1.39 -3.47
CA GLU B 60 14.72 -2.57 -3.54
C GLU B 60 13.87 -2.62 -2.28
N LEU B 61 12.60 -2.25 -2.39
CA LEU B 61 11.70 -2.29 -1.26
C LEU B 61 11.04 -3.65 -1.28
N ALA B 62 11.80 -4.65 -0.87
CA ALA B 62 11.32 -6.03 -0.85
C ALA B 62 10.54 -6.35 0.42
N ASN B 63 10.02 -7.56 0.49
CA ASN B 63 9.25 -7.97 1.66
C ASN B 63 10.18 -8.35 2.80
N ASP B 64 11.35 -8.87 2.46
CA ASP B 64 12.32 -9.28 3.45
C ASP B 64 13.17 -8.11 3.92
N GLU B 65 13.67 -7.32 2.97
CA GLU B 65 14.53 -6.20 3.31
C GLU B 65 14.41 -4.99 2.40
N VAL B 66 14.83 -3.85 2.93
CA VAL B 66 14.87 -2.62 2.17
C VAL B 66 16.38 -2.50 1.93
N ARG B 67 16.79 -2.55 0.67
CA ARG B 67 18.20 -2.44 0.34
C ARG B 67 18.47 -1.35 -0.66
N PHE B 68 19.67 -0.79 -0.57
CA PHE B 68 20.10 0.25 -1.49
C PHE B 68 21.52 0.65 -1.14
N ASN B 69 22.15 1.41 -2.00
CA ASN B 69 23.50 1.84 -1.72
C ASN B 69 23.56 3.30 -2.06
N ALA B 70 24.43 4.03 -1.36
CA ALA B 70 24.61 5.44 -1.57
C ALA B 70 25.90 5.87 -0.89
N ARG B 71 26.39 7.06 -1.22
CA ARG B 71 27.60 7.53 -0.60
C ARG B 71 27.32 8.35 0.64
N PHE B 72 27.99 7.99 1.72
CA PHE B 72 27.86 8.72 2.97
C PHE B 72 29.27 9.16 3.35
N GLY B 73 29.43 10.43 3.70
CA GLY B 73 30.75 10.91 4.04
C GLY B 73 31.74 10.56 2.95
N GLY B 74 31.28 10.59 1.70
CA GLY B 74 32.14 10.27 0.58
C GLY B 74 32.46 8.80 0.37
N ILE B 75 32.02 7.95 1.27
CA ILE B 75 32.28 6.51 1.16
C ILE B 75 31.06 5.74 0.64
N PRO B 76 31.27 4.88 -0.38
CA PRO B 76 30.15 4.11 -0.92
C PRO B 76 29.65 3.17 0.17
N ARG B 77 28.34 3.11 0.36
CA ARG B 77 27.79 2.23 1.38
C ARG B 77 26.60 1.43 0.88
N GLN B 78 26.56 0.17 1.32
CA GLN B 78 25.46 -0.72 0.96
C GLN B 78 24.61 -0.85 2.21
N VAL B 79 23.34 -0.46 2.08
CA VAL B 79 22.39 -0.46 3.19
C VAL B 79 21.40 -1.61 3.13
N SER B 80 21.17 -2.22 4.29
CA SER B 80 20.22 -3.32 4.40
C SER B 80 19.44 -3.18 5.68
N VAL B 81 18.12 -3.11 5.56
CA VAL B 81 17.23 -2.96 6.69
C VAL B 81 16.10 -3.99 6.68
N PRO B 82 16.14 -4.93 7.64
CA PRO B 82 15.08 -5.95 7.70
C PRO B 82 13.77 -5.19 7.88
N LEU B 83 12.69 -5.71 7.30
CA LEU B 83 11.40 -5.03 7.43
C LEU B 83 11.04 -4.88 8.89
N ALA B 84 11.43 -5.86 9.69
CA ALA B 84 11.16 -5.85 11.12
C ALA B 84 11.66 -4.55 11.73
N ALA B 85 12.80 -4.08 11.23
CA ALA B 85 13.39 -2.85 11.76
C ALA B 85 12.86 -1.56 11.17
N VAL B 86 11.83 -1.63 10.31
CA VAL B 86 11.28 -0.42 9.72
C VAL B 86 10.17 0.17 10.61
N LEU B 87 10.45 1.32 11.20
CA LEU B 87 9.54 2.02 12.09
C LEU B 87 8.47 2.82 11.36
N ALA B 88 8.90 3.62 10.39
CA ALA B 88 7.95 4.48 9.69
C ALA B 88 8.52 5.13 8.43
N ILE B 89 7.64 5.68 7.62
CA ILE B 89 8.06 6.40 6.43
C ILE B 89 7.34 7.75 6.41
N TYR B 90 8.12 8.82 6.51
CA TYR B 90 7.58 10.17 6.51
C TYR B 90 8.18 11.01 5.37
N ALA B 91 7.47 12.06 5.00
CA ALA B 91 7.93 12.98 3.98
C ALA B 91 8.76 14.00 4.72
N ARG B 92 9.92 14.35 4.18
CA ARG B 92 10.79 15.33 4.83
C ARG B 92 10.13 16.69 4.95
N GLU B 93 9.45 17.11 3.90
CA GLU B 93 8.81 18.42 3.89
C GLU B 93 7.63 18.59 4.85
N ASN B 94 6.48 18.00 4.54
CA ASN B 94 5.31 18.15 5.40
C ASN B 94 5.29 17.24 6.62
N GLY B 95 5.72 16.00 6.45
CA GLY B 95 5.72 15.06 7.56
C GLY B 95 4.72 13.95 7.31
N ALA B 96 3.94 14.09 6.24
CA ALA B 96 2.95 13.10 5.87
C ALA B 96 3.58 11.71 5.82
N GLY B 97 2.81 10.70 6.19
CA GLY B 97 3.34 9.36 6.16
C GLY B 97 2.65 8.44 7.15
N THR B 98 3.40 7.53 7.75
CA THR B 98 2.80 6.62 8.72
C THR B 98 3.81 5.81 9.52
N PHE B 100 4.40 2.17 11.24
CA PHE B 100 3.89 0.82 11.02
C PHE B 100 3.51 0.11 12.33
N GLU B 101 2.31 -0.42 12.37
CA GLU B 101 1.85 -1.15 13.54
C GLU B 101 2.69 -2.39 13.68
N PRO B 102 2.89 -2.86 14.92
CA PRO B 102 3.69 -4.07 15.13
C PRO B 102 2.95 -5.30 14.61
N GLU B 103 3.68 -6.29 14.14
CA GLU B 103 3.06 -7.50 13.61
C GLU B 103 3.72 -8.76 14.17
N ALA B 104 2.90 -9.79 14.38
CA ALA B 104 3.37 -11.06 14.92
C ALA B 104 4.63 -11.59 14.26
N ALA B 105 4.67 -11.57 12.93
CA ALA B 105 5.82 -12.08 12.20
C ALA B 105 7.14 -11.42 12.59
N TYR B 106 7.08 -10.20 13.12
CA TYR B 106 8.30 -9.49 13.50
C TYR B 106 8.68 -9.62 14.98
N ASP B 107 8.34 -10.75 15.60
CA ASP B 107 8.69 -10.97 17.01
C ASP B 107 10.02 -11.71 17.16
#